data_3T03
#
_entry.id   3T03
#
_cell.length_a   83.690
_cell.length_b   84.390
_cell.length_c   96.980
_cell.angle_alpha   90.00
_cell.angle_beta   90.00
_cell.angle_gamma   90.00
#
_symmetry.space_group_name_H-M   'P 21 21 21'
#
loop_
_entity.id
_entity.type
_entity.pdbx_description
1 polymer 'Peroxisome proliferator-activated receptor gamma'
2 polymer 'Nuclear receptor coactivator 1'
3 non-polymer (5Z)-5-(5-bromo-2-methoxybenzylidene)-3-(4-methylbenzyl)-1,3-thiazolidine-2,4-dione
4 water water
#
loop_
_entity_poly.entity_id
_entity_poly.type
_entity_poly.pdbx_seq_one_letter_code
_entity_poly.pdbx_strand_id
1 'polypeptide(L)'
;MGSSHHHHHHGGPESADLRALAKHLYDSYIKSFPLTKAKARAILTGKTTDKSPFVIYDMNSLMMGEDKIKFKHITPLQEQ
SKEVAIRIFQGCQFRSVEAVQEITEYAKSIPGFVNLDLNDQVTLLKYGVHEIIYTMLASLMNKDGVLISEGQGFMTREFL
KSLRKPFGDFMEPKFEFAVKFNALELDDSDLAIFIAVIILSGDRPGLLNVKPIEDIQDNLLQALELQLKLNHPESSQLFA
KLLQKMTDLRQIVTEHVQLLQVIKKTETDMSLHPLLQEIYKDLY
;
A,B
2 'polypeptide(L)' LTERHKILHRLLQEGSPS C,D
#
loop_
_chem_comp.id
_chem_comp.type
_chem_comp.name
_chem_comp.formula
3T0 non-polymer (5Z)-5-(5-bromo-2-methoxybenzylidene)-3-(4-methylbenzyl)-1,3-thiazolidine-2,4-dione 'C19 H16 Br N O3 S'
#
# COMPACT_ATOMS: atom_id res chain seq x y z
N ASP A 17 -27.24 -9.08 -7.58
CA ASP A 17 -26.60 -8.93 -6.27
C ASP A 17 -25.31 -8.09 -6.37
N LEU A 18 -24.21 -8.73 -6.75
CA LEU A 18 -22.96 -8.02 -6.93
C LEU A 18 -23.09 -7.01 -8.05
N ARG A 19 -23.78 -7.37 -9.14
CA ARG A 19 -24.05 -6.39 -10.19
C ARG A 19 -25.02 -5.30 -9.71
N ALA A 20 -25.88 -5.66 -8.76
CA ALA A 20 -26.88 -4.73 -8.23
C ALA A 20 -26.23 -3.74 -7.29
N LEU A 21 -25.28 -4.23 -6.49
CA LEU A 21 -24.52 -3.38 -5.59
C LEU A 21 -23.66 -2.39 -6.38
N ALA A 22 -23.01 -2.86 -7.45
CA ALA A 22 -22.21 -1.97 -8.30
C ALA A 22 -23.08 -0.85 -8.88
N LYS A 23 -24.29 -1.20 -9.32
CA LYS A 23 -25.23 -0.21 -9.83
C LYS A 23 -25.67 0.81 -8.77
N HIS A 24 -25.98 0.33 -7.57
CA HIS A 24 -26.41 1.22 -6.48
C HIS A 24 -25.28 2.18 -6.12
N LEU A 25 -24.05 1.67 -6.00
CA LEU A 25 -22.90 2.53 -5.72
C LEU A 25 -22.66 3.57 -6.82
N TYR A 26 -22.79 3.16 -8.08
CA TYR A 26 -22.67 4.12 -9.18
C TYR A 26 -23.72 5.23 -9.10
N ASP A 27 -24.98 4.87 -8.86
CA ASP A 27 -26.04 5.89 -8.80
C ASP A 27 -25.83 6.94 -7.69
N SER A 28 -25.48 6.51 -6.48
CA SER A 28 -25.26 7.49 -5.42
C SER A 28 -23.96 8.25 -5.61
N TYR A 29 -23.00 7.62 -6.27
CA TYR A 29 -21.75 8.32 -6.61
C TYR A 29 -22.05 9.51 -7.54
N ILE A 30 -22.88 9.26 -8.55
CA ILE A 30 -23.39 10.31 -9.44
C ILE A 30 -24.21 11.36 -8.67
N LYS A 31 -24.94 10.96 -7.65
CA LYS A 31 -25.74 11.95 -6.92
C LYS A 31 -24.88 12.77 -5.93
N SER A 32 -23.79 12.19 -5.46
CA SER A 32 -22.95 12.80 -4.43
C SER A 32 -21.87 13.72 -5.02
N PHE A 33 -21.42 13.42 -6.23
CA PHE A 33 -20.32 14.15 -6.85
C PHE A 33 -20.72 14.75 -8.19
N PRO A 34 -20.86 16.09 -8.24
CA PRO A 34 -21.36 16.80 -9.43
C PRO A 34 -20.47 16.58 -10.66
N LEU A 35 -19.17 16.85 -10.52
CA LEU A 35 -18.23 16.78 -11.64
C LEU A 35 -17.60 15.38 -11.76
N THR A 36 -18.13 14.59 -12.69
CA THR A 36 -17.72 13.21 -12.88
C THR A 36 -16.46 13.11 -13.74
N LYS A 37 -15.79 11.95 -13.73
CA LYS A 37 -14.60 11.77 -14.54
C LYS A 37 -14.95 11.90 -16.03
N ALA A 38 -16.05 11.24 -16.44
CA ALA A 38 -16.52 11.37 -17.83
C ALA A 38 -16.57 12.84 -18.24
N LYS A 39 -17.31 13.64 -17.48
CA LYS A 39 -17.39 15.09 -17.71
C LYS A 39 -16.01 15.77 -17.73
N ALA A 40 -15.17 15.44 -16.76
CA ALA A 40 -13.83 16.01 -16.71
C ALA A 40 -12.97 15.72 -17.94
N ARG A 41 -12.99 14.47 -18.43
CA ARG A 41 -12.17 14.10 -19.59
C ARG A 41 -12.65 14.78 -20.88
N ALA A 42 -13.94 15.02 -20.98
CA ALA A 42 -14.53 15.72 -22.12
C ALA A 42 -14.07 17.17 -22.16
N ILE A 43 -13.95 17.79 -20.98
CA ILE A 43 -13.45 19.15 -20.89
C ILE A 43 -11.96 19.20 -21.26
N LEU A 44 -11.18 18.26 -20.73
CA LEU A 44 -9.74 18.24 -20.94
C LEU A 44 -9.34 17.79 -22.35
N THR A 45 -10.22 17.06 -23.04
CA THR A 45 -9.93 16.62 -24.40
C THR A 45 -10.68 17.43 -25.45
N GLY A 46 -11.24 18.56 -25.02
CA GLY A 46 -11.96 19.46 -25.90
C GLY A 46 -13.19 18.79 -26.51
N LYS A 47 -13.47 17.57 -26.08
CA LYS A 47 -14.62 16.81 -26.57
C LYS A 47 -15.92 17.32 -25.95
N THR A 48 -16.06 18.65 -25.92
CA THR A 48 -17.23 19.27 -25.30
C THR A 48 -17.71 20.45 -26.16
N THR A 49 -19.03 20.64 -26.19
CA THR A 49 -19.64 21.75 -26.91
C THR A 49 -19.49 23.07 -26.14
N ASP A 50 -19.13 22.95 -24.86
CA ASP A 50 -18.98 24.09 -23.97
C ASP A 50 -17.77 24.96 -24.33
N LYS A 51 -17.67 26.11 -23.67
CA LYS A 51 -16.50 26.97 -23.81
C LYS A 51 -15.31 26.34 -23.11
N SER A 52 -14.16 26.31 -23.78
CA SER A 52 -12.93 25.85 -23.16
C SER A 52 -12.74 26.52 -21.80
N PRO A 53 -12.13 25.79 -20.85
CA PRO A 53 -11.83 26.37 -19.55
C PRO A 53 -10.76 27.46 -19.64
N PHE A 54 -10.94 28.51 -18.85
CA PHE A 54 -9.96 29.57 -18.76
C PHE A 54 -8.67 29.05 -18.11
N VAL A 55 -7.54 29.24 -18.79
CA VAL A 55 -6.27 28.69 -18.31
C VAL A 55 -5.51 29.66 -17.37
N ILE A 56 -4.99 29.11 -16.28
CA ILE A 56 -4.27 29.90 -15.31
C ILE A 56 -2.80 29.45 -15.20
N TYR A 57 -1.90 30.36 -15.58
CA TYR A 57 -0.46 30.07 -15.65
C TYR A 57 0.43 31.09 -14.94
N ASP A 58 -0.11 32.27 -14.61
CA ASP A 58 0.67 33.26 -13.84
C ASP A 58 -0.16 34.23 -12.99
N MET A 59 0.50 35.25 -12.45
CA MET A 59 -0.17 36.30 -11.69
C MET A 59 -1.36 36.89 -12.43
N ASN A 60 -1.14 37.35 -13.65
CA ASN A 60 -2.17 38.11 -14.38
C ASN A 60 -3.34 37.27 -14.87
N SER A 61 -3.06 36.05 -15.30
CA SER A 61 -4.13 35.12 -15.69
C SER A 61 -4.93 34.64 -14.44
N LEU A 62 -4.28 34.54 -13.29
CA LEU A 62 -5.02 34.20 -12.09
C LEU A 62 -5.99 35.34 -11.76
N MET A 63 -5.51 36.59 -11.83
CA MET A 63 -6.37 37.75 -11.58
C MET A 63 -7.53 37.85 -12.58
N MET A 64 -7.22 37.65 -13.86
CA MET A 64 -8.24 37.60 -14.89
C MET A 64 -9.28 36.53 -14.59
N GLY A 65 -8.81 35.35 -14.22
CA GLY A 65 -9.69 34.25 -13.91
C GLY A 65 -10.62 34.60 -12.75
N GLU A 66 -10.06 35.25 -11.74
CA GLU A 66 -10.86 35.61 -10.58
C GLU A 66 -11.92 36.63 -10.94
N ASP A 67 -11.61 37.55 -11.85
CA ASP A 67 -12.62 38.47 -12.35
C ASP A 67 -13.86 37.70 -12.81
N LYS A 68 -13.66 36.64 -13.57
CA LYS A 68 -14.76 35.87 -14.14
C LYS A 68 -15.60 35.12 -13.10
N ILE A 69 -14.95 34.62 -12.05
CA ILE A 69 -15.68 33.86 -11.03
C ILE A 69 -16.33 34.76 -9.95
N LYS A 70 -16.04 36.06 -10.02
CA LYS A 70 -16.69 37.04 -9.15
C LYS A 70 -18.16 37.15 -9.56
N PHE A 71 -18.49 36.57 -10.71
CA PHE A 71 -19.85 36.57 -11.22
C PHE A 71 -20.47 35.17 -11.16
N LYS A 72 -19.97 34.33 -10.24
CA LYS A 72 -20.49 32.98 -10.09
C LYS A 72 -20.60 32.50 -8.64
N HIS A 73 -19.72 33.02 -7.76
CA HIS A 73 -19.68 32.58 -6.37
C HIS A 73 -19.38 33.74 -5.40
N ILE A 74 -18.86 33.41 -4.22
CA ILE A 74 -18.49 34.41 -3.22
C ILE A 74 -17.63 33.80 -2.11
N GLN A 78 -14.78 35.36 3.76
CA GLN A 78 -14.74 36.80 4.07
C GLN A 78 -13.34 37.38 3.92
N GLU A 79 -12.36 36.72 4.52
CA GLU A 79 -10.97 37.19 4.46
C GLU A 79 -10.26 36.57 3.25
N GLN A 80 -9.51 37.40 2.52
CA GLN A 80 -8.74 36.88 1.37
C GLN A 80 -7.38 37.54 1.19
N SER A 81 -6.33 36.73 1.24
CA SER A 81 -4.97 37.20 1.10
C SER A 81 -4.70 37.78 -0.29
N LYS A 82 -3.76 38.73 -0.32
CA LYS A 82 -3.26 39.30 -1.56
C LYS A 82 -1.98 38.61 -1.93
N GLU A 83 -1.55 37.66 -1.11
CA GLU A 83 -0.46 36.81 -1.58
C GLU A 83 -0.98 35.58 -2.31
N VAL A 84 -0.48 35.37 -3.52
CA VAL A 84 -0.99 34.33 -4.42
C VAL A 84 -1.03 32.91 -3.82
N ALA A 85 0.08 32.47 -3.25
CA ALA A 85 0.16 31.10 -2.75
C ALA A 85 -0.82 30.89 -1.59
N ILE A 86 -0.87 31.83 -0.66
CA ILE A 86 -1.80 31.71 0.46
C ILE A 86 -3.25 31.76 -0.02
N ARG A 87 -3.54 32.63 -0.98
CA ARG A 87 -4.90 32.74 -1.47
C ARG A 87 -5.38 31.46 -2.18
N ILE A 88 -4.48 30.87 -2.95
CA ILE A 88 -4.77 29.63 -3.64
C ILE A 88 -5.00 28.54 -2.59
N PHE A 89 -4.09 28.44 -1.62
CA PHE A 89 -4.26 27.47 -0.55
C PHE A 89 -5.56 27.67 0.24
N GLN A 90 -5.96 28.91 0.49
CA GLN A 90 -7.26 29.15 1.11
C GLN A 90 -8.43 28.63 0.25
N GLY A 91 -8.35 28.86 -1.06
CA GLY A 91 -9.36 28.35 -1.97
C GLY A 91 -9.38 26.83 -1.95
N CYS A 92 -8.20 26.24 -1.81
CA CYS A 92 -8.02 24.80 -1.73
C CYS A 92 -8.77 24.24 -0.50
N GLN A 93 -8.55 24.88 0.64
CA GLN A 93 -9.20 24.47 1.89
C GLN A 93 -10.72 24.38 1.78
N PHE A 94 -11.33 25.38 1.18
CA PHE A 94 -12.77 25.42 1.03
C PHE A 94 -13.28 24.33 0.08
N ARG A 95 -12.49 24.02 -0.95
CA ARG A 95 -12.86 22.95 -1.86
C ARG A 95 -12.73 21.62 -1.13
N SER A 96 -11.71 21.48 -0.30
CA SER A 96 -11.51 20.26 0.49
C SER A 96 -12.66 20.02 1.47
N VAL A 97 -13.15 21.11 2.07
CA VAL A 97 -14.24 21.05 3.04
C VAL A 97 -15.49 20.58 2.32
N GLU A 98 -15.66 21.06 1.09
CA GLU A 98 -16.82 20.74 0.31
C GLU A 98 -16.73 19.28 -0.16
N ALA A 99 -15.52 18.81 -0.48
CA ALA A 99 -15.28 17.40 -0.75
C ALA A 99 -15.59 16.48 0.44
N VAL A 100 -15.21 16.87 1.66
CA VAL A 100 -15.52 16.07 2.87
C VAL A 100 -17.02 15.86 3.01
N GLN A 101 -17.77 16.93 2.81
CA GLN A 101 -19.23 16.80 2.83
C GLN A 101 -19.74 15.82 1.79
N GLU A 102 -19.32 15.98 0.53
CA GLU A 102 -19.71 15.07 -0.54
C GLU A 102 -19.35 13.62 -0.22
N ILE A 103 -18.13 13.41 0.24
CA ILE A 103 -17.67 12.07 0.58
C ILE A 103 -18.49 11.44 1.70
N THR A 104 -18.84 12.27 2.69
CA THR A 104 -19.72 11.83 3.77
C THR A 104 -21.09 11.38 3.28
N GLU A 105 -21.75 12.19 2.45
CA GLU A 105 -23.02 11.76 1.87
C GLU A 105 -22.83 10.46 1.04
N TYR A 106 -21.73 10.34 0.30
CA TYR A 106 -21.47 9.12 -0.43
C TYR A 106 -21.38 7.90 0.51
N ALA A 107 -20.53 8.02 1.54
CA ALA A 107 -20.34 6.93 2.50
C ALA A 107 -21.64 6.44 3.13
N LYS A 108 -22.50 7.37 3.51
CA LYS A 108 -23.79 7.02 4.07
C LYS A 108 -24.69 6.25 3.11
N SER A 109 -24.36 6.27 1.81
CA SER A 109 -25.14 5.50 0.84
C SER A 109 -24.66 4.05 0.72
N ILE A 110 -23.47 3.77 1.25
CA ILE A 110 -22.91 2.43 1.18
C ILE A 110 -23.65 1.51 2.16
N PRO A 111 -24.34 0.48 1.64
CA PRO A 111 -25.19 -0.41 2.44
C PRO A 111 -24.42 -0.97 3.63
N GLY A 112 -24.97 -0.81 4.83
CA GLY A 112 -24.30 -1.26 6.02
C GLY A 112 -23.54 -0.18 6.78
N PHE A 113 -23.04 0.83 6.06
CA PHE A 113 -22.20 1.85 6.70
C PHE A 113 -22.90 2.53 7.89
N VAL A 114 -24.10 3.05 7.67
CA VAL A 114 -24.75 3.89 8.68
C VAL A 114 -25.19 3.05 9.87
N ASN A 115 -25.12 1.74 9.74
CA ASN A 115 -25.49 0.87 10.83
C ASN A 115 -24.29 0.51 11.71
N LEU A 116 -23.09 0.93 11.31
CA LEU A 116 -21.89 0.72 12.13
C LEU A 116 -21.91 1.64 13.34
N ASP A 117 -21.17 1.28 14.38
CA ASP A 117 -20.99 2.17 15.52
C ASP A 117 -20.53 3.56 15.05
N LEU A 118 -21.16 4.60 15.59
CA LEU A 118 -20.90 5.96 15.14
C LEU A 118 -19.44 6.36 15.28
N ASN A 119 -18.79 5.92 16.35
CA ASN A 119 -17.39 6.32 16.57
C ASN A 119 -16.50 5.73 15.46
N ASP A 120 -16.85 4.54 15.01
CA ASP A 120 -16.17 3.89 13.92
C ASP A 120 -16.45 4.59 12.59
N GLN A 121 -17.71 4.93 12.32
CA GLN A 121 -18.06 5.71 11.14
C GLN A 121 -17.15 6.94 11.03
N VAL A 122 -17.02 7.65 12.13
CA VAL A 122 -16.19 8.86 12.17
C VAL A 122 -14.74 8.53 11.88
N THR A 123 -14.23 7.48 12.52
CA THR A 123 -12.86 7.02 12.25
C THR A 123 -12.63 6.69 10.76
N LEU A 124 -13.57 5.96 10.15
CA LEU A 124 -13.36 5.56 8.77
C LEU A 124 -13.27 6.77 7.89
N LEU A 125 -14.13 7.77 8.12
CA LEU A 125 -14.09 8.96 7.30
C LEU A 125 -12.82 9.76 7.55
N LYS A 126 -12.43 9.86 8.80
CA LYS A 126 -11.23 10.59 9.19
C LYS A 126 -10.02 10.09 8.41
N TYR A 127 -9.90 8.78 8.27
CA TYR A 127 -8.75 8.20 7.59
C TYR A 127 -9.00 8.03 6.11
N GLY A 128 -10.26 7.86 5.73
CA GLY A 128 -10.61 7.69 4.34
C GLY A 128 -10.58 8.94 3.50
N VAL A 129 -10.98 10.04 4.10
CA VAL A 129 -11.29 11.22 3.33
C VAL A 129 -10.15 11.72 2.37
N HIS A 130 -8.92 11.78 2.86
CA HIS A 130 -7.87 12.26 1.98
C HIS A 130 -7.50 11.29 0.87
N GLU A 131 -7.47 9.99 1.17
CA GLU A 131 -7.24 8.99 0.16
C GLU A 131 -8.25 9.15 -0.98
N ILE A 132 -9.50 9.38 -0.63
CA ILE A 132 -10.54 9.56 -1.63
C ILE A 132 -10.39 10.85 -2.39
N ILE A 133 -9.98 11.91 -1.69
CA ILE A 133 -9.73 13.18 -2.35
C ILE A 133 -8.65 13.06 -3.44
N TYR A 134 -7.57 12.34 -3.16
CA TYR A 134 -6.51 12.23 -4.17
C TYR A 134 -6.94 11.33 -5.32
N THR A 135 -7.74 10.32 -5.00
CA THR A 135 -8.39 9.52 -6.03
C THR A 135 -9.23 10.38 -6.97
N MET A 136 -10.15 11.17 -6.45
CA MET A 136 -11.06 11.97 -7.29
C MET A 136 -10.37 13.15 -7.97
N LEU A 137 -9.34 13.68 -7.32
CA LEU A 137 -8.53 14.71 -7.92
C LEU A 137 -7.88 14.18 -9.20
N ALA A 138 -7.42 12.93 -9.17
CA ALA A 138 -6.81 12.34 -10.41
C ALA A 138 -7.70 12.56 -11.64
N SER A 139 -9.01 12.46 -11.43
CA SER A 139 -9.98 12.54 -12.53
C SER A 139 -9.93 13.91 -13.21
N LEU A 140 -9.51 14.92 -12.45
CA LEU A 140 -9.56 16.30 -12.90
C LEU A 140 -8.20 16.73 -13.45
N MET A 141 -7.24 15.81 -13.40
CA MET A 141 -5.87 16.12 -13.81
C MET A 141 -5.43 15.45 -15.10
N ASN A 142 -4.47 16.08 -15.76
CA ASN A 142 -3.63 15.38 -16.74
C ASN A 142 -2.18 15.78 -16.43
N LYS A 143 -1.23 15.43 -17.30
CA LYS A 143 0.16 15.70 -16.97
C LYS A 143 0.46 17.19 -16.94
N ASP A 144 -0.42 18.00 -17.51
CA ASP A 144 -0.15 19.43 -17.68
C ASP A 144 -0.87 20.37 -16.69
N GLY A 145 -1.84 19.84 -15.94
CA GLY A 145 -2.53 20.67 -14.96
C GLY A 145 -3.83 20.09 -14.47
N VAL A 146 -4.58 20.88 -13.73
CA VAL A 146 -5.77 20.42 -13.02
C VAL A 146 -6.95 21.35 -13.27
N LEU A 147 -8.11 20.76 -13.51
CA LEU A 147 -9.36 21.49 -13.62
C LEU A 147 -9.76 22.03 -12.26
N ILE A 148 -10.22 23.28 -12.23
CA ILE A 148 -10.73 23.86 -11.00
C ILE A 148 -12.10 24.52 -11.26
N SER A 149 -12.68 25.04 -10.20
CA SER A 149 -14.06 25.58 -10.17
C SER A 149 -15.07 24.88 -11.09
N GLU A 150 -15.41 23.66 -10.72
CA GLU A 150 -16.45 22.92 -11.40
C GLU A 150 -16.17 22.74 -12.87
N GLY A 151 -14.90 22.82 -13.25
CA GLY A 151 -14.47 22.53 -14.61
C GLY A 151 -14.36 23.76 -15.50
N GLN A 152 -14.60 24.95 -14.93
CA GLN A 152 -14.61 26.15 -15.76
C GLN A 152 -13.24 26.85 -15.81
N GLY A 153 -12.29 26.37 -15.00
CA GLY A 153 -10.91 26.82 -15.06
C GLY A 153 -9.89 25.69 -15.15
N PHE A 154 -8.67 26.01 -15.55
CA PHE A 154 -7.60 25.03 -15.62
C PHE A 154 -6.31 25.64 -15.12
N MET A 155 -5.70 25.09 -14.07
CA MET A 155 -4.43 25.63 -13.55
C MET A 155 -3.25 24.77 -13.97
N THR A 156 -2.24 25.37 -14.60
CA THR A 156 -1.14 24.56 -15.08
C THR A 156 -0.30 24.01 -13.95
N ARG A 157 0.26 22.83 -14.18
CA ARG A 157 1.15 22.16 -13.26
C ARG A 157 2.37 23.02 -12.97
N GLU A 158 2.92 23.61 -14.02
CA GLU A 158 4.16 24.32 -13.91
C GLU A 158 3.94 25.59 -13.07
N PHE A 159 2.85 26.29 -13.33
CA PHE A 159 2.49 27.41 -12.47
C PHE A 159 2.42 26.99 -11.00
N LEU A 160 1.85 25.81 -10.72
CA LEU A 160 1.73 25.31 -9.35
C LEU A 160 3.09 24.93 -8.76
N LYS A 161 3.97 24.38 -9.60
CA LYS A 161 5.31 24.03 -9.14
C LYS A 161 6.12 25.29 -8.82
N SER A 162 5.72 26.43 -9.38
CA SER A 162 6.47 27.66 -9.19
C SER A 162 6.11 28.39 -7.90
N LEU A 163 4.99 28.04 -7.29
CA LEU A 163 4.56 28.75 -6.09
C LEU A 163 5.69 28.73 -5.06
N ARG A 164 5.78 29.78 -4.27
CA ARG A 164 6.87 29.85 -3.28
C ARG A 164 6.72 28.77 -2.20
N LYS A 165 7.83 28.31 -1.66
CA LYS A 165 7.79 27.25 -0.65
C LYS A 165 7.04 27.71 0.59
N PRO A 166 6.31 26.79 1.26
CA PRO A 166 6.27 25.36 0.97
C PRO A 166 5.11 24.96 0.06
N PHE A 167 4.56 25.90 -0.69
CA PHE A 167 3.36 25.65 -1.46
C PHE A 167 3.63 25.17 -2.87
N GLY A 168 4.87 25.35 -3.34
CA GLY A 168 5.25 24.96 -4.68
C GLY A 168 5.29 23.46 -4.86
N ASP A 169 5.45 22.76 -3.75
CA ASP A 169 5.51 21.32 -3.75
C ASP A 169 4.23 20.71 -3.19
N PHE A 170 3.19 21.53 -3.05
CA PHE A 170 1.94 21.02 -2.50
C PHE A 170 1.24 20.07 -3.46
N MET A 171 1.09 20.46 -4.73
CA MET A 171 0.34 19.63 -5.70
C MET A 171 1.16 18.55 -6.41
N GLU A 172 2.47 18.71 -6.45
CA GLU A 172 3.31 17.82 -7.22
C GLU A 172 3.12 16.31 -6.99
N PRO A 173 3.21 15.87 -5.73
CA PRO A 173 3.03 14.41 -5.56
C PRO A 173 1.62 13.97 -5.96
N LYS A 174 0.67 14.89 -5.94
CA LYS A 174 -0.69 14.58 -6.34
C LYS A 174 -0.77 14.42 -7.86
N PHE A 175 -0.04 15.25 -8.59
CA PHE A 175 0.12 15.01 -10.03
C PHE A 175 0.83 13.67 -10.35
N GLU A 176 1.85 13.33 -9.57
CA GLU A 176 2.64 12.14 -9.87
C GLU A 176 1.75 10.93 -9.71
N PHE A 177 1.02 10.88 -8.60
CA PHE A 177 0.04 9.84 -8.37
C PHE A 177 -0.93 9.76 -9.55
N ALA A 178 -1.50 10.90 -9.93
CA ALA A 178 -2.60 10.91 -10.89
C ALA A 178 -2.15 10.44 -12.27
N VAL A 179 -0.96 10.87 -12.67
CA VAL A 179 -0.41 10.41 -13.94
C VAL A 179 -0.38 8.88 -14.03
N LYS A 180 0.16 8.22 -13.01
CA LYS A 180 0.18 6.76 -13.01
C LYS A 180 -1.20 6.13 -12.78
N PHE A 181 -2.05 6.76 -11.97
CA PHE A 181 -3.38 6.22 -11.73
C PHE A 181 -4.26 6.32 -12.98
N ASN A 182 -4.24 7.47 -13.64
CA ASN A 182 -5.06 7.67 -14.83
C ASN A 182 -4.66 6.72 -15.97
N ALA A 183 -3.47 6.15 -15.89
CA ALA A 183 -3.01 5.20 -16.90
C ALA A 183 -3.87 3.93 -16.89
N LEU A 184 -4.50 3.64 -15.76
CA LEU A 184 -5.34 2.45 -15.60
C LEU A 184 -6.72 2.59 -16.26
N GLU A 185 -7.07 3.81 -16.67
CA GLU A 185 -8.33 4.10 -17.36
C GLU A 185 -9.60 3.59 -16.68
N LEU A 186 -9.73 3.86 -15.39
CA LEU A 186 -10.97 3.52 -14.68
C LEU A 186 -11.99 4.53 -15.13
N ASP A 187 -13.25 4.15 -15.12
CA ASP A 187 -14.29 5.13 -15.39
C ASP A 187 -15.08 5.35 -14.09
N ASP A 188 -16.14 6.14 -14.17
CA ASP A 188 -16.88 6.47 -12.94
C ASP A 188 -17.45 5.23 -12.23
N SER A 189 -17.96 4.27 -12.99
CA SER A 189 -18.52 3.07 -12.39
C SER A 189 -17.49 2.23 -11.63
N ASP A 190 -16.27 2.13 -12.15
CA ASP A 190 -15.17 1.50 -11.42
C ASP A 190 -14.82 2.31 -10.16
N LEU A 191 -14.67 3.62 -10.33
CA LEU A 191 -14.29 4.51 -9.24
C LEU A 191 -15.30 4.48 -8.08
N ALA A 192 -16.60 4.40 -8.40
CA ALA A 192 -17.64 4.34 -7.37
C ALA A 192 -17.36 3.20 -6.38
N ILE A 193 -16.99 2.03 -6.90
CA ILE A 193 -16.76 0.89 -6.01
C ILE A 193 -15.41 0.98 -5.32
N PHE A 194 -14.40 1.39 -6.08
CA PHE A 194 -13.05 1.59 -5.54
C PHE A 194 -13.05 2.47 -4.29
N ILE A 195 -13.72 3.62 -4.37
CA ILE A 195 -13.90 4.57 -3.25
C ILE A 195 -14.54 3.86 -2.06
N ALA A 196 -15.58 3.09 -2.33
CA ALA A 196 -16.30 2.42 -1.24
C ALA A 196 -15.40 1.43 -0.53
N VAL A 197 -14.62 0.67 -1.29
CA VAL A 197 -13.68 -0.26 -0.66
C VAL A 197 -12.72 0.47 0.30
N ILE A 198 -12.18 1.61 -0.14
CA ILE A 198 -11.29 2.44 0.66
C ILE A 198 -11.96 2.89 1.98
N ILE A 199 -13.17 3.41 1.90
CA ILE A 199 -13.86 3.85 3.11
C ILE A 199 -14.03 2.69 4.11
N LEU A 200 -14.36 1.50 3.63
CA LEU A 200 -14.63 0.37 4.53
C LEU A 200 -13.37 -0.43 4.85
N SER A 201 -12.32 0.23 5.32
CA SER A 201 -11.07 -0.46 5.68
C SER A 201 -11.07 -0.82 7.16
N GLY A 202 -10.94 -2.10 7.47
CA GLY A 202 -11.04 -2.56 8.84
C GLY A 202 -9.76 -2.39 9.62
N ASP A 203 -8.70 -1.96 8.93
CA ASP A 203 -7.42 -1.76 9.60
C ASP A 203 -7.10 -0.30 9.93
N ARG A 204 -8.11 0.56 9.96
CA ARG A 204 -7.92 1.94 10.42
C ARG A 204 -7.59 1.90 11.91
N PRO A 205 -6.66 2.78 12.34
CA PRO A 205 -6.32 2.83 13.77
C PRO A 205 -7.53 3.20 14.62
N GLY A 206 -7.68 2.56 15.78
CA GLY A 206 -8.69 2.91 16.74
C GLY A 206 -10.11 2.45 16.44
N LEU A 207 -10.28 1.60 15.45
CA LEU A 207 -11.60 1.02 15.18
C LEU A 207 -12.02 0.18 16.39
N LEU A 208 -13.30 0.26 16.75
CA LEU A 208 -13.81 -0.56 17.86
C LEU A 208 -14.22 -1.96 17.39
N ASN A 209 -15.07 -2.01 16.38
CA ASN A 209 -15.58 -3.29 15.86
C ASN A 209 -15.11 -3.55 14.44
N VAL A 210 -13.98 -4.25 14.30
CA VAL A 210 -13.37 -4.46 13.00
C VAL A 210 -14.21 -5.37 12.11
N LYS A 211 -14.80 -6.40 12.71
CA LYS A 211 -15.51 -7.46 11.98
C LYS A 211 -16.61 -7.01 11.02
N PRO A 212 -17.61 -6.26 11.51
CA PRO A 212 -18.69 -5.86 10.58
C PRO A 212 -18.20 -4.93 9.44
N ILE A 213 -17.07 -4.27 9.64
CA ILE A 213 -16.49 -3.44 8.59
C ILE A 213 -15.89 -4.33 7.50
N GLU A 214 -15.09 -5.29 7.93
CA GLU A 214 -14.52 -6.25 7.00
C GLU A 214 -15.62 -7.02 6.26
N ASP A 215 -16.74 -7.25 6.93
CA ASP A 215 -17.83 -7.99 6.28
C ASP A 215 -18.44 -7.19 5.16
N ILE A 216 -18.56 -5.88 5.34
CA ILE A 216 -18.98 -5.02 4.24
C ILE A 216 -17.90 -4.92 3.13
N GLN A 217 -16.64 -4.65 3.51
CA GLN A 217 -15.57 -4.62 2.50
C GLN A 217 -15.48 -5.89 1.66
N ASP A 218 -15.64 -7.06 2.29
CA ASP A 218 -15.62 -8.33 1.55
C ASP A 218 -16.54 -8.31 0.34
N ASN A 219 -17.80 -7.96 0.53
CA ASN A 219 -18.74 -7.89 -0.59
C ASN A 219 -18.38 -6.79 -1.62
N LEU A 220 -17.96 -5.62 -1.13
CA LEU A 220 -17.45 -4.55 -2.02
C LEU A 220 -16.25 -4.99 -2.85
N LEU A 221 -15.30 -5.67 -2.21
CA LEU A 221 -14.17 -6.26 -2.95
C LEU A 221 -14.65 -7.18 -4.08
N GLN A 222 -15.62 -8.04 -3.77
CA GLN A 222 -16.15 -8.97 -4.77
C GLN A 222 -16.82 -8.20 -5.91
N ALA A 223 -17.61 -7.17 -5.59
CA ALA A 223 -18.28 -6.38 -6.61
C ALA A 223 -17.22 -5.69 -7.47
N LEU A 224 -16.08 -5.37 -6.88
CA LEU A 224 -15.08 -4.59 -7.58
C LEU A 224 -14.38 -5.50 -8.58
N GLU A 225 -14.00 -6.68 -8.10
CA GLU A 225 -13.41 -7.72 -8.94
C GLU A 225 -14.29 -8.03 -10.16
N LEU A 226 -15.58 -8.22 -9.92
CA LEU A 226 -16.49 -8.53 -11.02
C LEU A 226 -16.60 -7.39 -12.02
N GLN A 227 -16.80 -6.18 -11.51
CA GLN A 227 -16.90 -4.98 -12.32
C GLN A 227 -15.70 -4.82 -13.24
N LEU A 228 -14.51 -5.04 -12.69
CA LEU A 228 -13.29 -4.91 -13.48
C LEU A 228 -13.13 -6.03 -14.53
N LYS A 229 -13.56 -7.25 -14.19
CA LYS A 229 -13.43 -8.35 -15.14
C LYS A 229 -14.32 -8.08 -16.33
N LEU A 230 -15.53 -7.61 -16.06
CA LEU A 230 -16.51 -7.38 -17.12
C LEU A 230 -16.15 -6.19 -17.99
N ASN A 231 -15.72 -5.09 -17.36
CA ASN A 231 -15.46 -3.86 -18.11
C ASN A 231 -14.02 -3.59 -18.51
N HIS A 232 -13.08 -4.33 -17.97
CA HIS A 232 -11.69 -4.20 -18.41
C HIS A 232 -11.17 -5.59 -18.75
N PRO A 233 -11.83 -6.23 -19.74
CA PRO A 233 -11.51 -7.63 -20.00
C PRO A 233 -10.05 -7.82 -20.43
N GLU A 234 -9.50 -6.84 -21.14
CA GLU A 234 -8.13 -6.96 -21.67
C GLU A 234 -7.06 -6.89 -20.58
N SER A 235 -7.42 -6.36 -19.41
CA SER A 235 -6.46 -6.22 -18.32
C SER A 235 -6.81 -7.14 -17.18
N SER A 236 -6.58 -8.44 -17.38
CA SER A 236 -6.66 -9.33 -16.26
C SER A 236 -5.65 -8.77 -15.26
N GLN A 237 -5.86 -9.03 -13.99
CA GLN A 237 -5.01 -8.47 -12.93
C GLN A 237 -5.11 -6.94 -12.69
N LEU A 238 -6.11 -6.29 -13.28
CA LEU A 238 -6.37 -4.89 -12.93
C LEU A 238 -6.79 -4.80 -11.45
N PHE A 239 -7.52 -5.81 -10.96
CA PHE A 239 -7.96 -5.83 -9.56
C PHE A 239 -6.73 -5.72 -8.68
N ALA A 240 -5.80 -6.66 -8.85
CA ALA A 240 -4.52 -6.60 -8.13
C ALA A 240 -3.82 -5.24 -8.18
N LYS A 241 -3.75 -4.62 -9.35
CA LYS A 241 -3.11 -3.30 -9.47
C LYS A 241 -3.86 -2.20 -8.72
N LEU A 242 -5.18 -2.26 -8.77
CA LEU A 242 -6.01 -1.33 -8.01
C LEU A 242 -5.73 -1.47 -6.53
N LEU A 243 -5.70 -2.70 -6.04
CA LEU A 243 -5.46 -2.93 -4.62
C LEU A 243 -4.14 -2.30 -4.17
N GLN A 244 -3.13 -2.33 -5.04
CA GLN A 244 -1.85 -1.71 -4.68
C GLN A 244 -1.93 -0.19 -4.59
N LYS A 245 -2.72 0.42 -5.47
CA LYS A 245 -2.92 1.85 -5.37
C LYS A 245 -3.52 2.26 -3.99
N MET A 246 -4.50 1.51 -3.52
CA MET A 246 -5.21 1.85 -2.26
C MET A 246 -4.23 1.98 -1.12
N THR A 247 -3.20 1.13 -1.14
CA THR A 247 -2.17 1.21 -0.13
C THR A 247 -1.19 2.36 -0.39
N ASP A 248 -0.77 2.53 -1.64
CA ASP A 248 0.06 3.70 -2.03
C ASP A 248 -0.53 5.00 -1.47
N LEU A 249 -1.82 5.21 -1.73
CA LEU A 249 -2.52 6.40 -1.26
C LEU A 249 -2.25 6.68 0.21
N ARG A 250 -2.03 5.62 0.99
CA ARG A 250 -1.89 5.76 2.42
C ARG A 250 -0.63 6.54 2.76
N GLN A 251 0.40 6.36 1.95
CA GLN A 251 1.69 7.00 2.19
C GLN A 251 1.71 8.40 1.60
N ILE A 252 0.96 8.61 0.52
CA ILE A 252 0.78 9.95 -0.02
C ILE A 252 0.11 10.85 1.02
N VAL A 253 -0.97 10.36 1.62
CA VAL A 253 -1.63 11.12 2.67
C VAL A 253 -0.66 11.39 3.82
N THR A 254 0.02 10.34 4.29
CA THR A 254 0.98 10.47 5.37
C THR A 254 1.96 11.60 5.12
N GLU A 255 2.44 11.70 3.89
CA GLU A 255 3.41 12.73 3.53
C GLU A 255 2.77 14.10 3.29
N HIS A 256 1.52 14.11 2.85
CA HIS A 256 0.72 15.32 2.78
C HIS A 256 0.50 15.89 4.20
N VAL A 257 0.23 15.01 5.15
CA VAL A 257 0.00 15.43 6.53
C VAL A 257 1.24 16.06 7.17
N GLN A 258 2.41 15.52 6.86
CA GLN A 258 3.68 16.10 7.31
C GLN A 258 3.90 17.49 6.71
N LEU A 259 3.53 17.66 5.44
CA LEU A 259 3.63 18.96 4.80
C LEU A 259 2.72 19.99 5.50
N LEU A 260 1.52 19.57 5.86
CA LEU A 260 0.55 20.45 6.51
C LEU A 260 0.91 20.89 7.92
N GLN A 261 1.63 20.07 8.66
CA GLN A 261 2.08 20.45 9.99
C GLN A 261 3.18 21.50 9.89
N VAL A 262 3.95 21.44 8.81
CA VAL A 262 4.95 22.46 8.48
C VAL A 262 4.25 23.79 8.21
N ILE A 263 3.37 23.80 7.21
CA ILE A 263 2.58 24.97 6.90
C ILE A 263 1.91 25.50 8.16
N LYS A 264 1.24 24.61 8.89
CA LYS A 264 0.52 24.96 10.11
C LYS A 264 1.38 25.75 11.11
N LYS A 265 2.63 25.36 11.26
CA LYS A 265 3.51 25.99 12.25
C LYS A 265 4.21 27.26 11.76
N THR A 266 4.66 27.23 10.51
CA THR A 266 5.52 28.30 10.00
C THR A 266 4.80 29.38 9.20
N GLU A 267 3.59 29.10 8.74
CA GLU A 267 2.79 30.11 8.02
C GLU A 267 1.84 30.82 8.98
N THR A 268 2.39 31.76 9.73
CA THR A 268 1.65 32.46 10.77
C THR A 268 0.41 33.22 10.27
N ASP A 269 0.38 33.54 8.99
CA ASP A 269 -0.72 34.32 8.42
C ASP A 269 -2.03 33.55 8.37
N MET A 270 -2.06 32.47 7.59
CA MET A 270 -3.28 31.70 7.38
C MET A 270 -3.76 30.91 8.61
N SER A 271 -5.05 30.64 8.64
CA SER A 271 -5.65 29.80 9.67
C SER A 271 -6.26 28.55 9.00
N LEU A 272 -5.97 27.37 9.56
CA LEU A 272 -6.54 26.14 9.03
C LEU A 272 -8.05 26.12 9.29
N HIS A 273 -8.80 25.60 8.32
CA HIS A 273 -10.25 25.47 8.48
C HIS A 273 -10.62 24.43 9.58
N PRO A 274 -11.60 24.74 10.44
CA PRO A 274 -11.93 23.88 11.60
C PRO A 274 -12.21 22.40 11.25
N LEU A 275 -13.04 22.13 10.24
CA LEU A 275 -13.27 20.74 9.78
C LEU A 275 -11.99 20.01 9.39
N LEU A 276 -11.07 20.72 8.72
CA LEU A 276 -9.83 20.10 8.29
C LEU A 276 -8.91 19.83 9.47
N GLN A 277 -8.90 20.77 10.42
CA GLN A 277 -8.18 20.57 11.68
C GLN A 277 -8.67 19.30 12.34
N GLU A 278 -9.99 19.14 12.41
CA GLU A 278 -10.62 17.93 13.00
C GLU A 278 -10.03 16.65 12.43
N ILE A 279 -9.96 16.59 11.11
CA ILE A 279 -9.46 15.43 10.38
C ILE A 279 -7.96 15.22 10.61
N TYR A 280 -7.20 16.30 10.58
CA TYR A 280 -5.75 16.21 10.72
C TYR A 280 -5.29 15.91 12.14
N LYS A 281 -6.08 16.34 13.12
CA LYS A 281 -5.72 16.15 14.51
C LYS A 281 -5.59 14.68 14.89
N ASP A 282 -4.45 14.35 15.49
CA ASP A 282 -4.20 12.99 15.96
C ASP A 282 -4.13 12.01 14.81
N LEU A 283 -3.94 12.55 13.60
CA LEU A 283 -3.79 11.75 12.40
C LEU A 283 -2.32 11.72 11.99
N TYR A 284 -1.67 10.56 12.19
CA TYR A 284 -0.31 10.40 11.69
C TYR A 284 0.65 11.39 12.29
N ASP B 17 -2.09 -27.07 -16.22
CA ASP B 17 -1.08 -26.14 -16.71
C ASP B 17 -0.82 -24.98 -15.74
N LEU B 18 -1.85 -24.20 -15.41
CA LEU B 18 -1.76 -23.35 -14.23
C LEU B 18 -1.55 -24.24 -13.02
N ARG B 19 -2.10 -25.45 -13.06
CA ARG B 19 -1.91 -26.41 -11.98
C ARG B 19 -0.52 -27.00 -12.03
N ALA B 20 -0.02 -27.19 -13.25
CA ALA B 20 1.36 -27.63 -13.45
C ALA B 20 2.34 -26.57 -12.93
N LEU B 21 2.08 -25.31 -13.26
CA LEU B 21 2.89 -24.20 -12.77
C LEU B 21 2.92 -24.14 -11.23
N ALA B 22 1.75 -24.34 -10.61
CA ALA B 22 1.65 -24.36 -9.15
C ALA B 22 2.49 -25.49 -8.58
N LYS B 23 2.41 -26.65 -9.23
CA LYS B 23 3.11 -27.83 -8.75
C LYS B 23 4.62 -27.63 -8.88
N HIS B 24 5.05 -27.17 -10.04
CA HIS B 24 6.45 -26.84 -10.26
C HIS B 24 7.04 -25.84 -9.23
N LEU B 25 6.32 -24.75 -8.98
CA LEU B 25 6.77 -23.77 -7.99
C LEU B 25 6.89 -24.43 -6.61
N TYR B 26 5.88 -25.22 -6.24
CA TYR B 26 5.91 -25.88 -4.94
C TYR B 26 7.14 -26.78 -4.77
N ASP B 27 7.39 -27.66 -5.74
CA ASP B 27 8.56 -28.53 -5.70
C ASP B 27 9.87 -27.74 -5.56
N SER B 28 9.97 -26.67 -6.32
CA SER B 28 11.14 -25.81 -6.25
C SER B 28 11.27 -25.09 -4.89
N TYR B 29 10.13 -24.64 -4.35
CA TYR B 29 10.05 -24.05 -3.02
C TYR B 29 10.56 -25.05 -1.96
N ILE B 30 10.10 -26.30 -2.06
CA ILE B 30 10.55 -27.37 -1.17
C ILE B 30 12.07 -27.59 -1.21
N LYS B 31 12.64 -27.44 -2.40
CA LYS B 31 14.07 -27.63 -2.61
C LYS B 31 14.89 -26.49 -2.03
N SER B 32 14.36 -25.28 -2.07
CA SER B 32 15.13 -24.10 -1.70
C SER B 32 15.07 -23.72 -0.21
N PHE B 33 13.89 -23.93 0.38
CA PHE B 33 13.67 -23.56 1.78
C PHE B 33 13.38 -24.82 2.56
N PRO B 34 14.40 -25.37 3.22
CA PRO B 34 14.35 -26.61 3.99
C PRO B 34 13.26 -26.60 5.09
N LEU B 35 13.16 -25.51 5.83
CA LEU B 35 12.15 -25.42 6.90
C LEU B 35 10.81 -24.87 6.40
N THR B 36 9.88 -25.77 6.10
CA THR B 36 8.59 -25.41 5.55
C THR B 36 7.60 -24.97 6.64
N LYS B 37 6.50 -24.36 6.22
CA LYS B 37 5.47 -23.95 7.16
C LYS B 37 4.88 -25.19 7.82
N ALA B 38 4.71 -26.27 7.04
CA ALA B 38 4.19 -27.51 7.57
C ALA B 38 5.03 -28.00 8.75
N LYS B 39 6.34 -28.08 8.56
CA LYS B 39 7.22 -28.48 9.64
C LYS B 39 7.26 -27.46 10.81
N ALA B 40 7.31 -26.17 10.52
CA ALA B 40 7.34 -25.17 11.60
C ALA B 40 6.06 -25.26 12.44
N ARG B 41 4.93 -25.33 11.76
CA ARG B 41 3.65 -25.41 12.38
C ARG B 41 3.51 -26.71 13.21
N ALA B 42 4.12 -27.80 12.75
CA ALA B 42 4.10 -29.04 13.54
C ALA B 42 4.89 -28.84 14.84
N ILE B 43 6.00 -28.12 14.74
CA ILE B 43 6.80 -27.80 15.92
C ILE B 43 6.09 -26.82 16.87
N LEU B 44 5.57 -25.72 16.33
CA LEU B 44 4.87 -24.71 17.14
C LEU B 44 3.64 -25.19 17.89
N THR B 45 2.71 -25.87 17.21
CA THR B 45 1.75 -26.70 17.93
C THR B 45 2.70 -27.81 18.33
N GLY B 46 2.39 -28.60 19.34
CA GLY B 46 3.37 -29.59 19.75
C GLY B 46 3.09 -30.93 19.08
N LYS B 47 2.59 -30.88 17.85
CA LYS B 47 2.13 -32.09 17.16
C LYS B 47 3.23 -32.76 16.33
N THR B 48 4.31 -33.13 17.01
CA THR B 48 5.45 -33.80 16.42
C THR B 48 6.14 -34.61 17.50
N THR B 49 6.97 -35.55 17.12
CA THR B 49 7.73 -36.33 18.08
C THR B 49 9.15 -35.78 18.17
N ASP B 50 9.51 -34.91 17.24
CA ASP B 50 10.83 -34.26 17.26
C ASP B 50 11.05 -33.63 18.63
N LYS B 51 12.31 -33.59 19.05
CA LYS B 51 12.66 -32.99 20.34
C LYS B 51 12.08 -31.59 20.45
N SER B 52 11.49 -31.29 21.61
CA SER B 52 10.95 -29.97 21.85
C SER B 52 12.08 -28.92 21.73
N PRO B 53 11.84 -27.83 20.98
CA PRO B 53 12.91 -26.83 20.76
C PRO B 53 13.36 -26.15 22.04
N PHE B 54 14.66 -25.88 22.17
CA PHE B 54 15.17 -25.20 23.36
C PHE B 54 14.60 -23.79 23.43
N VAL B 55 14.03 -23.43 24.58
CA VAL B 55 13.43 -22.10 24.70
C VAL B 55 14.38 -21.04 25.26
N ILE B 56 14.44 -19.92 24.57
CA ILE B 56 15.21 -18.75 25.03
C ILE B 56 14.26 -17.64 25.40
N TYR B 57 14.25 -17.30 26.70
CA TYR B 57 13.27 -16.39 27.27
C TYR B 57 13.96 -15.31 28.12
N ASP B 58 15.24 -15.52 28.41
CA ASP B 58 16.04 -14.51 29.11
C ASP B 58 17.52 -14.68 28.74
N MET B 59 18.38 -13.93 29.41
CA MET B 59 19.81 -13.91 29.10
C MET B 59 20.48 -15.21 29.43
N ASN B 60 20.20 -15.70 30.63
CA ASN B 60 20.80 -16.94 31.11
C ASN B 60 20.39 -18.11 30.21
N SER B 61 19.11 -18.12 29.81
CA SER B 61 18.63 -19.15 28.89
C SER B 61 19.22 -18.96 27.48
N LEU B 62 19.51 -17.71 27.12
CA LEU B 62 20.22 -17.45 25.87
C LEU B 62 21.59 -18.13 25.89
N MET B 63 22.29 -18.00 27.00
CA MET B 63 23.63 -18.59 27.12
C MET B 63 23.63 -20.12 27.11
N MET B 64 22.68 -20.75 27.80
CA MET B 64 22.55 -22.21 27.74
C MET B 64 22.19 -22.62 26.32
N GLY B 65 21.63 -21.68 25.57
CA GLY B 65 21.24 -21.93 24.19
C GLY B 65 22.41 -22.38 23.33
N GLU B 66 23.60 -22.40 23.89
CA GLU B 66 24.76 -22.93 23.19
C GLU B 66 25.76 -23.51 24.18
N LYS B 82 31.24 -10.03 23.31
CA LYS B 82 30.54 -8.80 22.97
C LYS B 82 29.15 -8.78 23.60
N GLU B 83 28.43 -7.66 23.46
CA GLU B 83 27.12 -7.54 24.10
C GLU B 83 26.05 -8.29 23.33
N VAL B 84 25.11 -8.85 24.08
CA VAL B 84 24.12 -9.76 23.51
C VAL B 84 23.36 -9.19 22.33
N ALA B 85 22.83 -7.96 22.49
CA ALA B 85 22.06 -7.34 21.42
C ALA B 85 22.79 -7.47 20.10
N ILE B 86 24.10 -7.20 20.12
CA ILE B 86 24.92 -7.25 18.93
C ILE B 86 25.18 -8.68 18.45
N ARG B 87 25.47 -9.59 19.37
CA ARG B 87 25.71 -10.97 18.99
C ARG B 87 24.46 -11.57 18.36
N ILE B 88 23.30 -11.23 18.93
CA ILE B 88 22.03 -11.67 18.38
C ILE B 88 21.80 -11.09 17.00
N PHE B 89 22.03 -9.80 16.86
CA PHE B 89 21.83 -9.13 15.58
C PHE B 89 22.79 -9.66 14.53
N GLN B 90 24.00 -10.02 14.95
CA GLN B 90 24.99 -10.58 14.06
C GLN B 90 24.50 -11.93 13.55
N GLY B 91 24.06 -12.77 14.49
CA GLY B 91 23.50 -14.06 14.15
C GLY B 91 22.38 -13.86 13.15
N CYS B 92 21.59 -12.82 13.40
CA CYS B 92 20.52 -12.46 12.49
C CYS B 92 21.03 -12.20 11.07
N GLN B 93 22.09 -11.39 10.94
CA GLN B 93 22.60 -11.02 9.63
C GLN B 93 23.08 -12.23 8.81
N PHE B 94 23.77 -13.16 9.46
CA PHE B 94 24.16 -14.42 8.82
C PHE B 94 22.97 -15.21 8.29
N ARG B 95 21.89 -15.26 9.07
CA ARG B 95 20.70 -16.01 8.65
C ARG B 95 20.00 -15.30 7.51
N SER B 96 20.13 -13.98 7.46
CA SER B 96 19.54 -13.21 6.38
C SER B 96 20.31 -13.42 5.07
N VAL B 97 21.64 -13.43 5.16
CA VAL B 97 22.45 -13.77 3.99
C VAL B 97 22.03 -15.16 3.46
N GLU B 98 21.86 -16.14 4.35
CA GLU B 98 21.36 -17.44 3.94
C GLU B 98 20.02 -17.30 3.24
N ALA B 99 19.13 -16.50 3.83
CA ALA B 99 17.80 -16.28 3.28
C ALA B 99 17.88 -15.72 1.85
N VAL B 100 18.73 -14.71 1.64
CA VAL B 100 18.86 -14.12 0.31
C VAL B 100 19.36 -15.12 -0.74
N GLN B 101 20.27 -16.00 -0.35
CA GLN B 101 20.80 -16.99 -1.27
C GLN B 101 19.70 -18.01 -1.63
N GLU B 102 18.91 -18.42 -0.64
CA GLU B 102 17.81 -19.35 -0.85
C GLU B 102 16.77 -18.75 -1.79
N ILE B 103 16.52 -17.46 -1.63
CA ILE B 103 15.51 -16.76 -2.40
C ILE B 103 15.93 -16.54 -3.84
N THR B 104 17.21 -16.26 -4.06
CA THR B 104 17.73 -16.02 -5.40
C THR B 104 17.67 -17.33 -6.19
N GLU B 105 17.98 -18.42 -5.51
CA GLU B 105 17.93 -19.74 -6.09
C GLU B 105 16.49 -20.09 -6.46
N TYR B 106 15.54 -19.83 -5.57
CA TYR B 106 14.12 -20.05 -5.87
C TYR B 106 13.69 -19.23 -7.08
N ALA B 107 14.05 -17.95 -7.11
CA ALA B 107 13.69 -17.06 -8.20
C ALA B 107 14.14 -17.60 -9.55
N LYS B 108 15.33 -18.19 -9.59
CA LYS B 108 15.83 -18.70 -10.86
C LYS B 108 14.96 -19.81 -11.42
N SER B 109 14.13 -20.40 -10.56
CA SER B 109 13.25 -21.50 -10.95
C SER B 109 11.90 -21.03 -11.44
N ILE B 110 11.58 -19.77 -11.22
CA ILE B 110 10.28 -19.26 -11.68
C ILE B 110 10.36 -19.14 -13.19
N PRO B 111 9.42 -19.77 -13.90
CA PRO B 111 9.57 -19.79 -15.37
C PRO B 111 9.62 -18.40 -15.98
N GLY B 112 10.65 -18.14 -16.78
CA GLY B 112 10.80 -16.89 -17.49
C GLY B 112 11.70 -15.86 -16.81
N PHE B 113 12.01 -16.09 -15.53
CA PHE B 113 12.81 -15.12 -14.77
C PHE B 113 14.25 -14.96 -15.31
N VAL B 114 14.95 -16.08 -15.52
CA VAL B 114 16.33 -16.04 -16.03
C VAL B 114 16.44 -15.57 -17.48
N ASN B 115 15.32 -15.50 -18.18
CA ASN B 115 15.33 -15.03 -19.56
C ASN B 115 15.23 -13.52 -19.57
N LEU B 116 14.97 -12.94 -18.40
CA LEU B 116 14.80 -11.49 -18.31
C LEU B 116 16.17 -10.83 -18.34
N ASP B 117 16.20 -9.57 -18.74
CA ASP B 117 17.40 -8.76 -18.62
C ASP B 117 18.05 -8.97 -17.26
N LEU B 118 19.38 -9.13 -17.26
CA LEU B 118 20.09 -9.40 -16.01
C LEU B 118 19.92 -8.29 -14.95
N ASN B 119 19.94 -7.03 -15.40
CA ASN B 119 19.79 -5.93 -14.46
C ASN B 119 18.42 -5.90 -13.80
N ASP B 120 17.39 -6.35 -14.52
CA ASP B 120 16.06 -6.40 -13.97
C ASP B 120 15.97 -7.57 -13.01
N GLN B 121 16.72 -8.64 -13.27
CA GLN B 121 16.73 -9.76 -12.35
C GLN B 121 17.24 -9.29 -10.99
N VAL B 122 18.37 -8.60 -11.02
CA VAL B 122 18.97 -8.07 -9.81
C VAL B 122 17.97 -7.12 -9.13
N THR B 123 17.30 -6.31 -9.93
CA THR B 123 16.36 -5.34 -9.37
C THR B 123 15.18 -6.01 -8.69
N LEU B 124 14.63 -7.06 -9.29
CA LEU B 124 13.51 -7.75 -8.67
C LEU B 124 13.95 -8.37 -7.34
N LEU B 125 15.17 -8.89 -7.30
CA LEU B 125 15.70 -9.46 -6.06
C LEU B 125 15.97 -8.38 -5.00
N LYS B 126 16.58 -7.29 -5.45
CA LYS B 126 16.89 -6.16 -4.57
C LYS B 126 15.67 -5.71 -3.73
N TYR B 127 14.53 -5.57 -4.39
CA TYR B 127 13.31 -5.08 -3.73
C TYR B 127 12.43 -6.19 -3.21
N GLY B 128 12.44 -7.33 -3.88
CA GLY B 128 11.61 -8.45 -3.47
C GLY B 128 12.10 -9.16 -2.21
N VAL B 129 13.40 -9.13 -1.96
CA VAL B 129 13.96 -10.06 -0.99
C VAL B 129 13.46 -9.85 0.47
N HIS B 130 13.35 -8.61 0.92
CA HIS B 130 12.89 -8.40 2.30
C HIS B 130 11.40 -8.58 2.47
N GLU B 131 10.66 -8.35 1.40
CA GLU B 131 9.24 -8.63 1.42
C GLU B 131 9.03 -10.13 1.62
N ILE B 132 9.85 -10.93 0.94
CA ILE B 132 9.81 -12.38 1.07
C ILE B 132 10.27 -12.85 2.45
N ILE B 133 11.27 -12.18 3.00
CA ILE B 133 11.79 -12.59 4.29
C ILE B 133 10.73 -12.43 5.38
N TYR B 134 9.98 -11.34 5.32
CA TYR B 134 8.87 -11.10 6.23
C TYR B 134 7.76 -12.13 6.07
N THR B 135 7.43 -12.44 4.82
CA THR B 135 6.43 -13.46 4.47
C THR B 135 6.85 -14.80 5.07
N MET B 136 8.08 -15.25 4.80
CA MET B 136 8.50 -16.59 5.24
C MET B 136 8.76 -16.70 6.74
N LEU B 137 9.16 -15.58 7.33
CA LEU B 137 9.38 -15.49 8.76
C LEU B 137 8.06 -15.77 9.49
N ALA B 138 6.96 -15.29 8.93
CA ALA B 138 5.65 -15.50 9.54
C ALA B 138 5.43 -16.98 9.77
N SER B 139 5.89 -17.80 8.83
CA SER B 139 5.70 -19.25 8.91
C SER B 139 6.35 -19.82 10.15
N LEU B 140 7.37 -19.14 10.65
CA LEU B 140 8.12 -19.62 11.82
C LEU B 140 7.65 -19.01 13.15
N MET B 141 6.58 -18.21 13.14
CA MET B 141 6.18 -17.42 14.31
C MET B 141 4.76 -17.74 14.73
N ASN B 142 4.52 -17.68 16.04
CA ASN B 142 3.17 -17.47 16.58
C ASN B 142 3.24 -16.15 17.34
N LYS B 143 2.19 -15.81 18.10
CA LYS B 143 2.12 -14.48 18.72
C LYS B 143 3.11 -14.32 19.88
N ASP B 144 3.72 -15.43 20.33
CA ASP B 144 4.56 -15.37 21.52
C ASP B 144 6.03 -15.68 21.25
N GLY B 145 6.38 -15.95 20.00
CA GLY B 145 7.74 -16.41 19.74
C GLY B 145 8.04 -16.81 18.32
N VAL B 146 9.33 -17.02 18.06
CA VAL B 146 9.80 -17.40 16.74
C VAL B 146 10.81 -18.57 16.79
N LEU B 147 10.65 -19.51 15.86
CA LEU B 147 11.61 -20.60 15.70
C LEU B 147 12.95 -20.11 15.14
N ILE B 148 14.05 -20.66 15.68
CA ILE B 148 15.38 -20.35 15.21
C ILE B 148 16.24 -21.60 15.09
N SER B 149 17.37 -21.49 14.39
CA SER B 149 18.33 -22.58 14.30
C SER B 149 17.66 -23.80 13.69
N GLU B 150 16.89 -23.57 12.63
CA GLU B 150 16.23 -24.63 11.89
C GLU B 150 15.24 -25.43 12.73
N GLY B 151 14.46 -24.72 13.56
CA GLY B 151 13.45 -25.37 14.38
C GLY B 151 13.93 -25.86 15.75
N GLN B 152 15.22 -25.77 16.00
CA GLN B 152 15.79 -26.32 17.23
C GLN B 152 15.61 -25.41 18.44
N GLY B 153 15.35 -24.13 18.18
CA GLY B 153 15.20 -23.18 19.26
C GLY B 153 13.95 -22.34 19.08
N PHE B 154 13.46 -21.77 20.18
CA PHE B 154 12.30 -20.91 20.21
C PHE B 154 12.62 -19.68 21.09
N MET B 155 12.75 -18.52 20.46
CA MET B 155 13.08 -17.29 21.19
C MET B 155 11.79 -16.53 21.44
N THR B 156 11.52 -16.16 22.69
CA THR B 156 10.24 -15.54 22.97
C THR B 156 10.17 -14.12 22.42
N ARG B 157 8.94 -13.70 22.09
CA ARG B 157 8.67 -12.34 21.64
C ARG B 157 9.06 -11.35 22.73
N GLU B 158 8.70 -11.70 23.96
CA GLU B 158 8.94 -10.82 25.10
C GLU B 158 10.43 -10.65 25.36
N PHE B 159 11.20 -11.73 25.26
CA PHE B 159 12.64 -11.59 25.42
C PHE B 159 13.22 -10.64 24.36
N LEU B 160 12.81 -10.84 23.12
CA LEU B 160 13.34 -10.06 22.01
C LEU B 160 13.01 -8.58 22.17
N LYS B 161 11.85 -8.33 22.78
CA LYS B 161 11.37 -6.97 22.98
C LYS B 161 12.16 -6.30 24.10
N SER B 162 12.87 -7.12 24.89
CA SER B 162 13.66 -6.59 26.01
C SER B 162 15.07 -6.14 25.59
N LEU B 163 15.45 -6.39 24.35
CA LEU B 163 16.76 -5.93 23.86
C LEU B 163 16.83 -4.39 23.90
N ARG B 164 18.02 -3.85 24.15
CA ARG B 164 18.20 -2.39 24.19
C ARG B 164 17.96 -1.74 22.81
N LYS B 165 17.58 -0.47 22.84
CA LYS B 165 17.41 0.32 21.62
C LYS B 165 18.66 0.26 20.73
N PRO B 166 18.46 0.18 19.40
CA PRO B 166 17.16 0.05 18.76
C PRO B 166 16.84 -1.41 18.39
N PHE B 167 17.44 -2.37 19.08
CA PHE B 167 17.28 -3.79 18.76
C PHE B 167 16.02 -4.36 19.38
N GLY B 168 15.56 -3.73 20.45
CA GLY B 168 14.36 -4.18 21.14
C GLY B 168 13.16 -4.04 20.25
N ASP B 169 13.22 -3.20 19.24
CA ASP B 169 12.08 -3.04 18.37
C ASP B 169 12.39 -3.53 16.97
N PHE B 170 13.46 -4.32 16.83
CA PHE B 170 13.79 -4.89 15.52
C PHE B 170 12.79 -5.93 15.04
N MET B 171 12.39 -6.85 15.92
CA MET B 171 11.57 -8.00 15.48
C MET B 171 10.09 -7.72 15.64
N GLU B 172 9.75 -6.79 16.52
CA GLU B 172 8.34 -6.58 16.87
C GLU B 172 7.42 -6.29 15.67
N PRO B 173 7.88 -5.53 14.67
CA PRO B 173 7.10 -5.35 13.43
C PRO B 173 6.89 -6.65 12.63
N LYS B 174 7.88 -7.53 12.60
CA LYS B 174 7.69 -8.83 11.98
C LYS B 174 6.62 -9.68 12.70
N PHE B 175 6.64 -9.68 14.03
CA PHE B 175 5.58 -10.38 14.78
C PHE B 175 4.20 -9.82 14.48
N GLU B 176 4.09 -8.49 14.50
CA GLU B 176 2.80 -7.82 14.30
C GLU B 176 2.24 -8.15 12.91
N PHE B 177 3.11 -8.15 11.91
CA PHE B 177 2.69 -8.59 10.59
C PHE B 177 2.35 -10.10 10.55
N ALA B 178 3.21 -10.93 11.13
CA ALA B 178 2.98 -12.39 11.17
C ALA B 178 1.60 -12.76 11.76
N VAL B 179 1.23 -12.10 12.86
CA VAL B 179 -0.06 -12.41 13.49
C VAL B 179 -1.24 -12.17 12.53
N LYS B 180 -1.24 -11.05 11.82
CA LYS B 180 -2.27 -10.79 10.81
C LYS B 180 -2.15 -11.71 9.57
N PHE B 181 -0.92 -11.93 9.11
CA PHE B 181 -0.71 -12.75 7.92
C PHE B 181 -1.10 -14.22 8.21
N ASN B 182 -0.70 -14.71 9.37
CA ASN B 182 -0.99 -16.08 9.73
C ASN B 182 -2.48 -16.41 9.80
N ALA B 183 -3.31 -15.39 10.03
CA ALA B 183 -4.75 -15.63 10.14
C ALA B 183 -5.40 -15.96 8.78
N LEU B 184 -4.65 -15.78 7.71
CA LEU B 184 -5.09 -16.22 6.38
C LEU B 184 -4.92 -17.73 6.26
N GLU B 185 -4.17 -18.32 7.19
CA GLU B 185 -3.95 -19.77 7.24
C GLU B 185 -3.50 -20.39 5.91
N LEU B 186 -2.50 -19.78 5.28
CA LEU B 186 -1.95 -20.31 4.01
C LEU B 186 -1.05 -21.52 4.26
N ASP B 187 -0.96 -22.39 3.27
CA ASP B 187 0.01 -23.49 3.34
C ASP B 187 1.14 -23.27 2.32
N ASP B 188 2.10 -24.19 2.32
CA ASP B 188 3.31 -24.05 1.51
C ASP B 188 3.01 -23.95 0.00
N SER B 189 1.98 -24.66 -0.46
CA SER B 189 1.54 -24.62 -1.85
C SER B 189 1.09 -23.22 -2.24
N ASP B 190 0.32 -22.62 -1.35
CA ASP B 190 -0.14 -21.25 -1.54
C ASP B 190 1.05 -20.29 -1.60
N LEU B 191 1.91 -20.40 -0.58
CA LEU B 191 3.05 -19.49 -0.40
C LEU B 191 4.08 -19.59 -1.53
N ALA B 192 4.30 -20.79 -2.05
CA ALA B 192 5.24 -20.96 -3.15
C ALA B 192 4.84 -20.02 -4.26
N ILE B 193 3.55 -20.00 -4.60
CA ILE B 193 3.08 -19.11 -5.66
C ILE B 193 3.13 -17.64 -5.25
N PHE B 194 2.67 -17.34 -4.04
CA PHE B 194 2.63 -15.97 -3.55
C PHE B 194 4.03 -15.32 -3.56
N ILE B 195 5.01 -16.02 -3.02
CA ILE B 195 6.38 -15.54 -3.03
C ILE B 195 6.84 -15.24 -4.47
N ALA B 196 6.41 -16.06 -5.43
CA ALA B 196 6.85 -15.84 -6.81
C ALA B 196 6.16 -14.61 -7.38
N VAL B 197 4.91 -14.38 -6.96
CA VAL B 197 4.18 -13.19 -7.42
C VAL B 197 4.87 -11.91 -6.95
N ILE B 198 5.35 -11.95 -5.70
CA ILE B 198 6.05 -10.81 -5.12
C ILE B 198 7.33 -10.47 -5.90
N ILE B 199 8.16 -11.47 -6.18
CA ILE B 199 9.40 -11.24 -6.90
C ILE B 199 9.14 -10.59 -8.26
N LEU B 200 8.14 -11.09 -8.98
CA LEU B 200 7.85 -10.63 -10.33
C LEU B 200 6.93 -9.42 -10.35
N SER B 201 7.28 -8.40 -9.56
CA SER B 201 6.47 -7.18 -9.53
C SER B 201 6.95 -6.18 -10.57
N GLY B 202 6.11 -5.92 -11.56
CA GLY B 202 6.49 -5.05 -12.65
C GLY B 202 6.67 -3.59 -12.28
N ASP B 203 6.48 -3.24 -11.01
CA ASP B 203 6.51 -1.83 -10.63
C ASP B 203 7.67 -1.39 -9.72
N ARG B 204 8.69 -2.24 -9.59
CA ARG B 204 9.88 -1.83 -8.86
C ARG B 204 10.59 -0.70 -9.61
N PRO B 205 11.18 0.24 -8.87
CA PRO B 205 11.98 1.34 -9.41
C PRO B 205 13.15 0.86 -10.28
N GLY B 206 13.30 1.42 -11.47
CA GLY B 206 14.47 1.16 -12.29
C GLY B 206 14.38 -0.02 -13.25
N LEU B 207 13.25 -0.71 -13.25
CA LEU B 207 13.06 -1.79 -14.20
C LEU B 207 13.19 -1.28 -15.63
N LEU B 208 13.84 -2.07 -16.48
CA LEU B 208 14.07 -1.68 -17.85
C LEU B 208 12.91 -2.13 -18.72
N ASN B 209 12.58 -3.41 -18.63
CA ASN B 209 11.55 -4.00 -19.46
C ASN B 209 10.40 -4.55 -18.61
N VAL B 210 9.40 -3.70 -18.34
CA VAL B 210 8.33 -4.07 -17.44
C VAL B 210 7.40 -5.12 -18.02
N LYS B 211 7.10 -5.00 -19.31
CA LYS B 211 6.17 -5.89 -19.98
C LYS B 211 6.46 -7.37 -19.76
N PRO B 212 7.70 -7.81 -20.06
CA PRO B 212 8.01 -9.23 -19.83
C PRO B 212 7.69 -9.64 -18.39
N ILE B 213 8.04 -8.78 -17.43
CA ILE B 213 7.81 -9.07 -16.02
C ILE B 213 6.32 -9.22 -15.73
N GLU B 214 5.53 -8.25 -16.16
CA GLU B 214 4.10 -8.26 -15.87
C GLU B 214 3.42 -9.46 -16.52
N ASP B 215 3.90 -9.82 -17.70
CA ASP B 215 3.44 -11.00 -18.41
C ASP B 215 3.54 -12.23 -17.55
N ILE B 216 4.68 -12.39 -16.89
CA ILE B 216 4.90 -13.52 -16.01
C ILE B 216 4.03 -13.42 -14.76
N GLN B 217 3.93 -12.23 -14.17
CA GLN B 217 3.14 -12.05 -12.94
C GLN B 217 1.67 -12.29 -13.17
N ASP B 218 1.19 -11.93 -14.36
CA ASP B 218 -0.17 -12.23 -14.76
C ASP B 218 -0.41 -13.74 -14.69
N ASN B 219 0.56 -14.51 -15.19
CA ASN B 219 0.46 -15.97 -15.15
C ASN B 219 0.47 -16.48 -13.71
N LEU B 220 1.41 -15.97 -12.92
CA LEU B 220 1.53 -16.35 -11.52
C LEU B 220 0.23 -16.02 -10.73
N LEU B 221 -0.36 -14.87 -11.01
CA LEU B 221 -1.57 -14.45 -10.30
C LEU B 221 -2.75 -15.35 -10.62
N GLN B 222 -2.95 -15.68 -11.90
CA GLN B 222 -3.96 -16.66 -12.28
C GLN B 222 -3.71 -18.01 -11.60
N ALA B 223 -2.46 -18.44 -11.58
CA ALA B 223 -2.12 -19.66 -10.85
C ALA B 223 -2.48 -19.52 -9.37
N LEU B 224 -2.21 -18.36 -8.79
CA LEU B 224 -2.47 -18.16 -7.36
C LEU B 224 -3.99 -18.14 -7.10
N GLU B 225 -4.71 -17.37 -7.89
CA GLU B 225 -6.15 -17.28 -7.75
C GLU B 225 -6.81 -18.65 -7.87
N LEU B 226 -6.39 -19.44 -8.85
CA LEU B 226 -6.90 -20.81 -8.99
C LEU B 226 -6.55 -21.61 -7.74
N GLN B 227 -5.29 -21.55 -7.34
CA GLN B 227 -4.79 -22.31 -6.18
C GLN B 227 -5.54 -22.02 -4.88
N LEU B 228 -5.85 -20.75 -4.60
CA LEU B 228 -6.60 -20.41 -3.38
C LEU B 228 -8.05 -20.84 -3.44
N LYS B 229 -8.63 -20.84 -4.64
CA LYS B 229 -10.03 -21.20 -4.76
C LYS B 229 -10.24 -22.71 -4.62
N LEU B 230 -9.19 -23.49 -4.91
CA LEU B 230 -9.26 -24.95 -4.80
C LEU B 230 -8.88 -25.42 -3.40
N ASN B 231 -7.93 -24.74 -2.79
CA ASN B 231 -7.33 -25.18 -1.55
C ASN B 231 -8.10 -24.63 -0.36
N HIS B 232 -8.77 -23.49 -0.57
CA HIS B 232 -9.60 -22.88 0.45
C HIS B 232 -10.96 -22.54 -0.12
N PRO B 233 -11.73 -23.57 -0.49
CA PRO B 233 -13.04 -23.43 -1.14
C PRO B 233 -14.03 -22.60 -0.30
N GLU B 234 -13.98 -22.80 1.01
CA GLU B 234 -14.90 -22.14 1.93
C GLU B 234 -14.55 -20.67 2.09
N SER B 235 -13.27 -20.35 1.93
CA SER B 235 -12.77 -19.00 2.17
C SER B 235 -12.71 -18.19 0.89
N SER B 236 -13.87 -17.79 0.39
CA SER B 236 -13.92 -16.87 -0.73
C SER B 236 -13.20 -15.61 -0.27
N GLN B 237 -12.97 -14.67 -1.18
CA GLN B 237 -12.32 -13.40 -0.86
C GLN B 237 -10.87 -13.51 -0.34
N LEU B 238 -10.36 -14.73 -0.20
CA LEU B 238 -8.98 -14.93 0.28
C LEU B 238 -7.94 -14.29 -0.64
N PHE B 239 -8.17 -14.39 -1.94
CA PHE B 239 -7.30 -13.79 -2.94
C PHE B 239 -7.13 -12.30 -2.65
N ALA B 240 -8.25 -11.59 -2.61
CA ALA B 240 -8.24 -10.15 -2.32
C ALA B 240 -7.47 -9.81 -1.05
N LYS B 241 -7.76 -10.54 0.02
CA LYS B 241 -7.09 -10.33 1.30
C LYS B 241 -5.59 -10.58 1.22
N LEU B 242 -5.19 -11.61 0.48
CA LEU B 242 -3.76 -11.88 0.32
C LEU B 242 -3.09 -10.75 -0.45
N LEU B 243 -3.73 -10.32 -1.51
CA LEU B 243 -3.26 -9.18 -2.30
C LEU B 243 -3.10 -7.93 -1.45
N GLN B 244 -4.06 -7.69 -0.54
CA GLN B 244 -3.93 -6.57 0.39
C GLN B 244 -2.71 -6.70 1.30
N LYS B 245 -2.38 -7.90 1.75
CA LYS B 245 -1.20 -8.05 2.61
C LYS B 245 0.07 -7.73 1.82
N MET B 246 0.12 -8.22 0.57
CA MET B 246 1.26 -8.02 -0.30
C MET B 246 1.52 -6.53 -0.45
N THR B 247 0.46 -5.79 -0.70
CA THR B 247 0.56 -4.34 -0.81
C THR B 247 1.08 -3.72 0.50
N ASP B 248 0.62 -4.22 1.64
CA ASP B 248 1.06 -3.68 2.94
C ASP B 248 2.56 -3.85 3.15
N LEU B 249 3.13 -4.90 2.56
CA LEU B 249 4.55 -5.22 2.72
C LEU B 249 5.51 -4.12 2.30
N ARG B 250 5.13 -3.35 1.28
CA ARG B 250 5.99 -2.29 0.74
C ARG B 250 6.48 -1.41 1.87
N GLN B 251 5.52 -0.87 2.61
CA GLN B 251 5.81 0.12 3.63
C GLN B 251 6.55 -0.49 4.80
N ILE B 252 6.14 -1.70 5.19
CA ILE B 252 6.84 -2.47 6.21
C ILE B 252 8.35 -2.63 5.90
N VAL B 253 8.67 -3.00 4.67
CA VAL B 253 10.06 -3.13 4.28
C VAL B 253 10.72 -1.76 4.24
N THR B 254 9.96 -0.75 3.82
CA THR B 254 10.47 0.62 3.85
C THR B 254 10.95 0.96 5.25
N GLU B 255 10.13 0.64 6.25
CA GLU B 255 10.45 0.97 7.64
C GLU B 255 11.58 0.12 8.20
N HIS B 256 11.62 -1.15 7.80
CA HIS B 256 12.73 -2.02 8.18
C HIS B 256 14.03 -1.42 7.64
N VAL B 257 13.92 -0.75 6.50
CA VAL B 257 15.03 -0.06 5.89
C VAL B 257 15.40 1.19 6.67
N GLN B 258 14.41 1.96 7.14
CA GLN B 258 14.68 3.15 7.96
C GLN B 258 15.20 2.79 9.38
N LEU B 259 15.22 1.51 9.71
CA LEU B 259 15.81 1.04 10.97
C LEU B 259 17.30 0.71 10.82
N LEU B 260 17.70 0.21 9.65
CA LEU B 260 19.09 -0.17 9.38
C LEU B 260 20.02 1.03 9.07
N GLN B 261 19.43 2.16 8.69
CA GLN B 261 20.17 3.43 8.59
C GLN B 261 20.56 3.85 10.00
N VAL B 262 19.59 3.85 10.91
CA VAL B 262 19.91 3.82 12.33
C VAL B 262 20.64 2.49 12.46
N ILE B 263 21.40 2.30 13.53
CA ILE B 263 22.29 1.14 13.60
C ILE B 263 23.50 1.45 12.71
N LYS B 264 23.51 2.67 12.18
CA LYS B 264 24.71 3.27 11.61
C LYS B 264 25.31 4.15 12.70
N LYS B 265 24.47 4.48 13.69
CA LYS B 265 24.92 5.09 14.93
C LYS B 265 25.36 3.99 15.89
N THR B 266 26.00 2.96 15.33
CA THR B 266 26.52 1.83 16.09
C THR B 266 28.03 1.91 16.14
N GLU B 267 28.64 1.12 17.01
CA GLU B 267 30.09 1.05 17.11
C GLU B 267 30.64 -0.18 16.41
N LEU B 272 26.96 -3.54 8.17
CA LEU B 272 26.24 -4.65 7.54
C LEU B 272 27.17 -5.54 6.73
N HIS B 273 26.77 -6.80 6.57
CA HIS B 273 27.49 -7.74 5.72
C HIS B 273 27.44 -7.28 4.27
N PRO B 274 28.49 -7.55 3.49
CA PRO B 274 28.56 -7.11 2.09
C PRO B 274 27.30 -7.39 1.26
N LEU B 275 26.80 -8.62 1.24
CA LEU B 275 25.56 -8.94 0.52
C LEU B 275 24.40 -8.06 0.96
N LEU B 276 24.22 -7.92 2.26
CA LEU B 276 23.11 -7.13 2.81
C LEU B 276 23.27 -5.65 2.47
N GLN B 277 24.51 -5.15 2.53
CA GLN B 277 24.78 -3.76 2.18
C GLN B 277 24.43 -3.44 0.73
N GLU B 278 24.68 -4.39 -0.17
CA GLU B 278 24.35 -4.26 -1.58
C GLU B 278 22.85 -4.06 -1.76
N ILE B 279 22.06 -4.91 -1.11
CA ILE B 279 20.62 -4.83 -1.21
C ILE B 279 20.07 -3.51 -0.66
N TYR B 280 20.65 -3.04 0.45
CA TYR B 280 20.20 -1.80 1.10
C TYR B 280 20.55 -0.52 0.32
N LYS B 281 21.78 -0.45 -0.18
CA LYS B 281 22.25 0.71 -0.92
C LYS B 281 21.22 1.27 -1.90
N ASP B 282 20.90 2.55 -1.73
CA ASP B 282 19.99 3.26 -2.63
C ASP B 282 18.64 2.57 -2.73
N LEU B 283 18.24 1.87 -1.66
CA LEU B 283 16.93 1.25 -1.59
C LEU B 283 16.02 2.09 -0.71
N TYR B 284 14.98 2.66 -1.30
CA TYR B 284 14.01 3.44 -0.53
C TYR B 284 14.65 4.65 0.13
N HIS C 5 -14.32 15.25 17.49
CA HIS C 5 -14.69 15.40 16.08
C HIS C 5 -16.09 15.99 15.91
N LYS C 6 -16.35 17.11 16.55
CA LYS C 6 -17.66 17.77 16.51
C LYS C 6 -18.31 17.87 15.13
N ILE C 7 -17.61 18.47 14.17
CA ILE C 7 -18.22 18.71 12.87
C ILE C 7 -18.48 17.39 12.12
N LEU C 8 -17.50 16.48 12.15
CA LEU C 8 -17.69 15.16 11.53
C LEU C 8 -18.89 14.42 12.10
N HIS C 9 -19.05 14.45 13.42
CA HIS C 9 -20.19 13.78 14.06
C HIS C 9 -21.50 14.31 13.54
N ARG C 10 -21.56 15.62 13.40
CA ARG C 10 -22.76 16.26 12.93
C ARG C 10 -23.07 15.92 11.47
N LEU C 11 -22.03 15.90 10.63
CA LEU C 11 -22.18 15.44 9.25
C LEU C 11 -22.74 14.02 9.19
N LEU C 12 -22.25 13.17 10.10
CA LEU C 12 -22.71 11.80 10.16
C LEU C 12 -24.09 11.69 10.81
N HIS D 5 26.31 -4.16 -7.00
CA HIS D 5 25.59 -5.39 -6.72
C HIS D 5 26.40 -6.61 -7.15
N LYS D 6 27.66 -6.63 -6.73
CA LYS D 6 28.59 -7.71 -7.04
C LYS D 6 28.09 -9.09 -6.60
N ILE D 7 27.73 -9.20 -5.33
CA ILE D 7 27.36 -10.48 -4.76
C ILE D 7 26.09 -11.09 -5.37
N LEU D 8 25.07 -10.27 -5.59
CA LEU D 8 23.86 -10.74 -6.27
C LEU D 8 24.16 -11.31 -7.67
N HIS D 9 24.91 -10.56 -8.48
CA HIS D 9 25.30 -11.04 -9.82
C HIS D 9 25.95 -12.43 -9.74
N ARG D 10 26.89 -12.59 -8.81
CA ARG D 10 27.57 -13.86 -8.59
C ARG D 10 26.61 -14.98 -8.18
N LEU D 11 25.66 -14.66 -7.29
CA LEU D 11 24.66 -15.64 -6.90
C LEU D 11 23.83 -16.08 -8.10
N LEU D 12 23.38 -15.13 -8.91
CA LEU D 12 22.58 -15.44 -10.09
C LEU D 12 23.38 -16.27 -11.10
N GLN D 13 24.72 -16.14 -11.03
CA GLN D 13 25.61 -16.80 -11.97
C GLN D 13 26.07 -18.19 -11.54
N GLU D 14 26.64 -18.32 -10.34
CA GLU D 14 27.13 -19.63 -9.89
C GLU D 14 26.36 -20.27 -8.74
N GLY D 15 25.30 -19.60 -8.29
CA GLY D 15 24.44 -20.12 -7.24
C GLY D 15 25.05 -20.00 -5.86
N SER D 16 24.44 -20.67 -4.89
CA SER D 16 24.99 -20.72 -3.54
C SER D 16 26.26 -21.56 -3.58
N PRO D 17 27.14 -21.38 -2.59
CA PRO D 17 26.95 -20.47 -1.46
C PRO D 17 27.99 -19.35 -1.47
CAA 3T0 E . -5.92 24.13 -7.90
CAB 3T0 E . -12.49 16.39 -6.81
OAC 3T0 E . -6.88 18.08 -2.16
OAD 3T0 E . -8.72 21.95 -4.27
BRAE 3T0 E . -1.24 25.04 -2.67
CAF 3T0 E . -6.18 22.61 -4.65
CAG 3T0 E . -10.80 18.41 -6.24
CAH 3T0 E . -11.83 17.00 -4.40
CAI 3T0 E . -2.50 24.80 -5.33
CAJ 3T0 E . -10.02 19.18 -5.25
CAK 3T0 E . -11.05 17.80 -3.37
CAL 3T0 E . -3.52 24.50 -6.32
CAM 3T0 E . -3.87 23.59 -3.44
CAN 3T0 E . -9.45 19.59 -2.75
OAO 3T0 E . -5.68 23.34 -6.80
SAP 3T0 E . -5.53 20.00 -3.43
CAQ 3T0 E . -11.71 17.28 -5.83
CAR 3T0 E . -2.63 24.44 -3.92
CAS 3T0 E . -10.16 18.84 -3.82
CAT 3T0 E . -4.90 23.33 -4.48
CAU 3T0 E . -4.72 23.73 -5.90
CAV 3T0 E . -6.92 19.14 -2.74
CAW 3T0 E . -7.87 21.08 -3.83
CAX 3T0 E . -6.46 21.31 -4.01
NAY 3T0 E . -8.07 19.91 -3.10
CAA 3T0 F . 15.86 -14.54 16.60
CAB 3T0 F . 12.55 -18.20 7.24
OAC 3T0 F . 14.76 -11.05 9.01
OAD 3T0 F . 17.33 -14.42 11.44
BRAE 3T0 F . 17.63 -7.95 16.66
CAF 3T0 F . 16.84 -12.72 13.50
CAG 3T0 F . 13.94 -16.90 9.05
CAH 3T0 F . 14.01 -16.15 6.60
CAI 3T0 F . 16.63 -10.63 17.24
CAJ 3T0 F . 14.89 -15.74 9.46
CAK 3T0 F . 14.91 -15.05 6.98
CAL 3T0 F . 16.25 -12.03 17.01
CAM 3T0 F . 17.36 -10.27 14.74
CAN 3T0 F . 16.31 -13.67 8.70
OAO 3T0 F . 16.05 -13.80 15.45
SAP 3T0 F . 15.24 -11.06 11.62
CAQ 3T0 F . 13.47 -17.09 7.63
CAR 3T0 F . 17.18 -9.77 16.17
CAS 3T0 F . 15.37 -14.82 8.40
CAT 3T0 F . 16.93 -11.71 14.58
CAU 3T0 F . 16.38 -12.53 15.68
CAV 3T0 F . 15.31 -11.62 9.93
CAW 3T0 F . 16.57 -13.33 11.14
CAX 3T0 F . 16.22 -12.37 12.21
NAY 3T0 F . 16.05 -12.86 9.89
#